data_4CH9
#
_entry.id   4CH9
#
_cell.length_a   45.330
_cell.length_b   84.760
_cell.length_c   146.790
_cell.angle_alpha   90.00
_cell.angle_beta   90.00
_cell.angle_gamma   90.00
#
_symmetry.space_group_name_H-M   'P 21 21 21'
#
loop_
_entity.id
_entity.type
_entity.pdbx_description
1 polymer 'KELCH-LIKE PROTEIN 3'
2 polymer 'SERINE/THREONINE-PROTEIN KINASE WNK4'
3 non-polymer 'SULFATE ION'
4 non-polymer 1,2-ETHANEDIOL
5 non-polymer 'CHLORIDE ION'
6 water water
#
loop_
_entity_poly.entity_id
_entity_poly.type
_entity_poly.pdbx_seq_one_letter_code
_entity_poly.pdbx_strand_id
1 'polypeptide(L)'
;SMSLPKVMIVVGGQAPKAIRSVECYDFEEDRWDQIAELPSRRCRAGVVFMAGHVYAVGGFNGSLRVRTVDVYDGVKDQWT
SIASMQERRSTLGAAVLNDLLYAVGGFDGSTGLASVEAYSYKTNEWFFVAPMNTRRSSVGVGVVEGKLYAVGGYDGASRQ
CLSTVEQYNPATNEWIYVADMSTRRSGAGVGVLSGQLYATGGHDGPLVRKSVEVYDPGTNTWKQVADMNMCRRNAGVCAV
NGLLYVVGGDDGSCNLASVEYYNPVTDKWTLLPTNMSTGRSYAGVAVIHKSL
;
A,B
2 'polypeptide(L)' EPEEPEADQHQ C,D
#
loop_
_chem_comp.id
_chem_comp.type
_chem_comp.name
_chem_comp.formula
CL non-polymer 'CHLORIDE ION' 'Cl -1'
EDO non-polymer 1,2-ETHANEDIOL 'C2 H6 O2'
SO4 non-polymer 'SULFATE ION' 'O4 S -2'
#
# COMPACT_ATOMS: atom_id res chain seq x y z
N PRO A 5 6.60 -24.94 22.76
CA PRO A 5 5.68 -24.59 21.67
C PRO A 5 5.16 -23.17 21.85
N LYS A 6 5.48 -22.30 20.90
CA LYS A 6 5.24 -20.87 21.04
C LYS A 6 4.10 -20.38 20.17
N VAL A 7 3.51 -19.29 20.60
CA VAL A 7 2.44 -18.63 19.84
C VAL A 7 2.71 -17.13 19.78
N MET A 8 2.18 -16.48 18.75
CA MET A 8 2.37 -15.05 18.57
C MET A 8 1.05 -14.35 18.87
N ILE A 9 1.04 -13.42 19.81
CA ILE A 9 -0.19 -12.70 20.12
C ILE A 9 -0.13 -11.28 19.55
N VAL A 10 -1.27 -10.85 19.05
CA VAL A 10 -1.41 -9.57 18.38
C VAL A 10 -2.43 -8.81 19.18
N VAL A 11 -2.05 -7.64 19.68
CA VAL A 11 -2.81 -6.97 20.72
C VAL A 11 -3.46 -5.69 20.24
N GLY A 12 -4.80 -5.70 20.19
CA GLY A 12 -5.52 -4.50 19.81
C GLY A 12 -5.12 -4.04 18.42
N GLY A 13 -5.14 -2.72 18.23
CA GLY A 13 -4.86 -2.13 16.92
C GLY A 13 -6.08 -1.45 16.34
N GLN A 14 -5.90 -0.99 15.10
CA GLN A 14 -6.92 -0.35 14.29
C GLN A 14 -7.40 -1.31 13.22
N ALA A 15 -8.72 -1.49 13.14
CA ALA A 15 -9.29 -2.41 12.18
C ALA A 15 -10.76 -2.09 11.87
N PRO A 16 -11.04 -0.87 11.40
CA PRO A 16 -10.15 0.27 11.19
C PRO A 16 -10.13 1.26 12.34
N LYS A 17 -11.02 1.08 13.31
CA LYS A 17 -10.98 1.87 14.55
C LYS A 17 -10.26 1.07 15.62
N ALA A 18 -9.99 1.70 16.76
CA ALA A 18 -9.41 1.00 17.90
C ALA A 18 -10.29 -0.18 18.31
N ILE A 19 -9.67 -1.31 18.64
CA ILE A 19 -10.41 -2.55 18.94
C ILE A 19 -9.94 -3.18 20.24
N ARG A 20 -10.72 -4.10 20.79
CA ARG A 20 -10.34 -4.87 21.98
C ARG A 20 -9.69 -6.19 21.64
N SER A 21 -9.91 -6.66 20.41
CA SER A 21 -9.49 -7.98 19.99
C SER A 21 -8.02 -8.26 20.24
N VAL A 22 -7.74 -9.43 20.80
CA VAL A 22 -6.39 -9.95 20.91
C VAL A 22 -6.38 -11.28 20.20
N GLU A 23 -5.51 -11.40 19.20
CA GLU A 23 -5.47 -12.60 18.38
C GLU A 23 -4.21 -13.36 18.66
N CYS A 24 -4.25 -14.64 18.35
CA CYS A 24 -3.14 -15.51 18.66
C CYS A 24 -2.86 -16.36 17.44
N TYR A 25 -1.64 -16.31 16.91
CA TYR A 25 -1.25 -17.24 15.84
C TYR A 25 -0.48 -18.43 16.41
N ASP A 26 -1.00 -19.62 16.14
CA ASP A 26 -0.43 -20.87 16.59
C ASP A 26 0.45 -21.38 15.47
N PHE A 27 1.76 -21.26 15.64
CA PHE A 27 2.72 -21.65 14.59
C PHE A 27 2.59 -23.10 14.18
N GLU A 28 2.51 -24.01 15.15
CA GLU A 28 2.46 -25.44 14.82
C GLU A 28 1.16 -25.80 14.11
N GLU A 29 0.07 -25.11 14.42
CA GLU A 29 -1.25 -25.42 13.85
C GLU A 29 -1.62 -24.56 12.64
N ASP A 30 -0.83 -23.52 12.38
CA ASP A 30 -1.07 -22.57 11.29
C ASP A 30 -2.50 -22.02 11.34
N ARG A 31 -2.88 -21.50 12.51
CA ARG A 31 -4.24 -21.04 12.72
C ARG A 31 -4.26 -19.82 13.64
N TRP A 32 -5.13 -18.86 13.29
CA TRP A 32 -5.39 -17.71 14.14
C TRP A 32 -6.60 -17.96 15.00
N ASP A 33 -6.53 -17.54 16.27
CA ASP A 33 -7.67 -17.64 17.18
C ASP A 33 -7.74 -16.38 18.05
N GLN A 34 -8.93 -16.08 18.56
CA GLN A 34 -9.10 -15.02 19.53
C GLN A 34 -8.74 -15.55 20.91
N ILE A 35 -8.00 -14.78 21.69
CA ILE A 35 -7.83 -15.10 23.10
C ILE A 35 -8.44 -13.96 23.90
N ALA A 36 -8.18 -13.91 25.20
CA ALA A 36 -8.81 -12.91 26.06
C ALA A 36 -8.65 -11.50 25.51
N GLU A 37 -9.77 -10.84 25.32
CA GLU A 37 -9.76 -9.48 24.79
C GLU A 37 -9.23 -8.48 25.81
N LEU A 38 -8.72 -7.37 25.30
CA LEU A 38 -8.28 -6.28 26.17
C LEU A 38 -9.40 -5.75 27.06
N PRO A 39 -9.05 -5.22 28.24
CA PRO A 39 -10.10 -4.63 29.08
C PRO A 39 -10.80 -3.46 28.40
N SER A 40 -10.14 -2.82 27.44
CA SER A 40 -10.69 -1.62 26.79
C SER A 40 -10.16 -1.53 25.36
N ARG A 41 -10.78 -0.72 24.52
CA ARG A 41 -10.29 -0.56 23.14
C ARG A 41 -8.94 0.16 23.18
N ARG A 42 -7.98 -0.35 22.41
N ARG A 42 -8.00 -0.29 22.35
CA ARG A 42 -6.61 0.16 22.45
CA ARG A 42 -6.65 0.22 22.43
C ARG A 42 -5.96 -0.05 21.07
C ARG A 42 -5.81 -0.07 21.18
N CYS A 43 -5.31 1.00 20.57
CA CYS A 43 -4.39 0.89 19.43
C CYS A 43 -3.21 1.83 19.73
N ARG A 44 -2.13 1.69 18.94
CA ARG A 44 -0.96 2.58 19.08
C ARG A 44 -0.28 2.44 20.44
N ALA A 45 -0.43 1.27 21.05
CA ALA A 45 0.15 1.00 22.35
C ALA A 45 1.56 0.41 22.19
N GLY A 46 2.36 0.48 23.23
CA GLY A 46 3.60 -0.25 23.25
C GLY A 46 3.32 -1.61 23.86
N VAL A 47 3.77 -2.67 23.18
CA VAL A 47 3.50 -4.03 23.62
C VAL A 47 4.83 -4.73 23.73
N VAL A 48 5.07 -5.34 24.89
CA VAL A 48 6.35 -5.99 25.09
C VAL A 48 6.19 -7.15 26.03
N PHE A 49 7.04 -8.15 25.82
CA PHE A 49 7.12 -9.33 26.65
C PHE A 49 8.06 -9.10 27.83
N MET A 50 7.60 -9.43 29.03
CA MET A 50 8.48 -9.36 30.19
C MET A 50 8.21 -10.60 31.00
N ALA A 51 9.21 -11.48 31.06
CA ALA A 51 9.21 -12.66 31.92
C ALA A 51 7.89 -13.43 31.85
N GLY A 52 7.40 -13.69 30.65
CA GLY A 52 6.22 -14.53 30.49
C GLY A 52 4.92 -13.75 30.52
N HIS A 53 5.01 -12.44 30.66
CA HIS A 53 3.80 -11.59 30.64
C HIS A 53 3.93 -10.58 29.54
N VAL A 54 2.80 -10.18 28.97
CA VAL A 54 2.81 -9.17 27.92
C VAL A 54 2.17 -7.88 28.41
N TYR A 55 2.92 -6.79 28.30
CA TYR A 55 2.42 -5.50 28.74
C TYR A 55 1.87 -4.79 27.55
N ALA A 56 0.74 -4.12 27.73
CA ALA A 56 0.20 -3.27 26.69
C ALA A 56 0.14 -1.89 27.29
N VAL A 57 0.93 -0.98 26.74
CA VAL A 57 1.26 0.27 27.41
C VAL A 57 0.74 1.46 26.62
N GLY A 58 -0.09 2.27 27.26
CA GLY A 58 -0.58 3.49 26.64
C GLY A 58 -1.40 3.24 25.41
N GLY A 59 -1.34 4.18 24.47
CA GLY A 59 -2.08 4.05 23.23
C GLY A 59 -3.22 5.03 23.13
N PHE A 60 -4.24 4.63 22.36
CA PHE A 60 -5.32 5.50 21.92
C PHE A 60 -6.59 4.65 21.96
N ASN A 61 -7.66 5.15 22.54
CA ASN A 61 -8.86 4.34 22.70
C ASN A 61 -9.92 4.64 21.68
N GLY A 62 -9.55 5.40 20.65
CA GLY A 62 -10.47 5.82 19.61
C GLY A 62 -10.84 7.27 19.76
N SER A 63 -10.72 7.80 20.98
CA SER A 63 -11.07 9.21 21.28
C SER A 63 -9.93 9.99 21.95
N LEU A 64 -9.32 9.36 22.94
CA LEU A 64 -8.25 9.98 23.72
C LEU A 64 -7.00 9.12 23.72
N ARG A 65 -5.85 9.77 23.88
CA ARG A 65 -4.61 9.08 24.20
C ARG A 65 -4.67 8.71 25.68
N VAL A 66 -4.06 7.59 26.07
CA VAL A 66 -4.25 7.07 27.43
C VAL A 66 -2.93 6.83 28.14
N ARG A 67 -2.99 6.79 29.48
CA ARG A 67 -1.81 6.51 30.30
C ARG A 67 -1.94 5.16 30.97
N THR A 68 -3.05 4.48 30.69
CA THR A 68 -3.31 3.17 31.26
C THR A 68 -2.39 2.10 30.71
N VAL A 69 -2.16 1.08 31.54
CA VAL A 69 -1.31 -0.03 31.20
C VAL A 69 -1.96 -1.30 31.69
N ASP A 70 -2.10 -2.29 30.81
CA ASP A 70 -2.64 -3.59 31.20
C ASP A 70 -1.63 -4.67 30.88
N VAL A 71 -1.73 -5.79 31.60
CA VAL A 71 -0.78 -6.89 31.44
C VAL A 71 -1.49 -8.22 31.21
N TYR A 72 -0.94 -9.01 30.30
CA TYR A 72 -1.54 -10.29 29.91
C TYR A 72 -0.73 -11.46 30.47
N ASP A 73 -1.44 -12.34 31.18
CA ASP A 73 -0.92 -13.61 31.67
C ASP A 73 -1.42 -14.73 30.77
N GLY A 74 -0.53 -15.22 29.91
CA GLY A 74 -0.90 -16.24 28.95
C GLY A 74 -1.17 -17.59 29.57
N VAL A 75 -0.58 -17.84 30.74
CA VAL A 75 -0.83 -19.12 31.40
C VAL A 75 -2.29 -19.24 31.78
N LYS A 76 -2.89 -18.17 32.30
CA LYS A 76 -4.28 -18.19 32.75
C LYS A 76 -5.22 -17.51 31.73
N ASP A 77 -4.65 -16.92 30.69
CA ASP A 77 -5.42 -16.19 29.68
C ASP A 77 -6.24 -15.09 30.37
N GLN A 78 -5.53 -14.22 31.08
CA GLN A 78 -6.15 -13.18 31.90
C GLN A 78 -5.40 -11.89 31.79
N TRP A 79 -6.14 -10.80 31.58
CA TRP A 79 -5.59 -9.44 31.64
C TRP A 79 -5.78 -8.81 33.04
N THR A 80 -4.78 -8.05 33.45
CA THR A 80 -4.81 -7.29 34.69
C THR A 80 -4.33 -5.85 34.42
N SER A 81 -4.68 -4.93 35.30
N SER A 81 -4.54 -4.95 35.37
CA SER A 81 -4.17 -3.55 35.26
CA SER A 81 -4.13 -3.55 35.20
C SER A 81 -3.01 -3.31 36.24
C SER A 81 -3.12 -3.16 36.27
N ILE A 82 -2.07 -2.47 35.84
CA ILE A 82 -1.05 -1.97 36.75
C ILE A 82 -1.20 -0.45 36.82
N ALA A 83 -0.30 0.21 37.53
CA ALA A 83 -0.36 1.66 37.69
C ALA A 83 -0.28 2.32 36.31
N SER A 84 -1.04 3.39 36.12
CA SER A 84 -0.94 4.18 34.89
C SER A 84 0.35 4.98 34.89
N MET A 85 0.81 5.30 33.69
CA MET A 85 1.98 6.14 33.49
C MET A 85 1.73 7.54 33.95
N GLN A 86 2.81 8.31 34.09
CA GLN A 86 2.69 9.71 34.46
C GLN A 86 2.07 10.51 33.34
N GLU A 87 2.48 10.20 32.12
CA GLU A 87 2.00 10.89 30.93
C GLU A 87 1.16 9.98 30.04
N ARG A 88 0.15 10.57 29.40
CA ARG A 88 -0.56 9.89 28.31
C ARG A 88 0.44 9.70 27.18
N ARG A 89 0.53 8.50 26.62
CA ARG A 89 1.47 8.24 25.53
C ARG A 89 0.83 7.33 24.51
N SER A 90 0.87 7.76 23.24
CA SER A 90 0.38 6.98 22.13
C SER A 90 1.44 7.02 21.02
N THR A 91 1.54 5.90 20.31
CA THR A 91 2.62 5.63 19.33
C THR A 91 4.02 5.67 19.97
N LEU A 92 4.09 5.38 21.27
CA LEU A 92 5.33 5.21 21.99
C LEU A 92 6.01 3.89 21.64
N GLY A 93 7.25 3.74 22.10
CA GLY A 93 7.93 2.47 22.13
C GLY A 93 7.90 1.93 23.55
N ALA A 94 7.82 0.60 23.68
CA ALA A 94 7.90 -0.03 25.00
C ALA A 94 8.96 -1.11 24.95
N ALA A 95 9.83 -1.15 25.95
CA ALA A 95 10.89 -2.16 25.98
C ALA A 95 11.24 -2.52 27.39
N VAL A 96 11.88 -3.67 27.53
CA VAL A 96 12.29 -4.13 28.82
C VAL A 96 13.81 -4.15 28.81
N LEU A 97 14.38 -3.49 29.81
CA LEU A 97 15.82 -3.46 29.98
C LEU A 97 16.11 -3.60 31.46
N ASN A 98 16.85 -4.66 31.79
CA ASN A 98 17.23 -4.97 33.16
C ASN A 98 16.06 -4.91 34.13
N ASP A 99 14.99 -5.59 33.76
CA ASP A 99 13.80 -5.77 34.61
C ASP A 99 12.99 -4.51 34.83
N LEU A 100 13.27 -3.47 34.06
CA LEU A 100 12.42 -2.29 34.06
C LEU A 100 11.72 -2.19 32.71
N LEU A 101 10.48 -1.76 32.76
CA LEU A 101 9.69 -1.52 31.58
C LEU A 101 9.79 -0.06 31.20
N TYR A 102 10.33 0.23 30.02
CA TYR A 102 10.52 1.60 29.59
C TYR A 102 9.46 2.01 28.60
N ALA A 103 8.81 3.13 28.87
CA ALA A 103 7.87 3.75 27.95
C ALA A 103 8.58 4.95 27.34
N VAL A 104 8.79 4.89 26.04
CA VAL A 104 9.70 5.80 25.36
C VAL A 104 8.92 6.69 24.41
N GLY A 105 9.00 7.99 24.61
CA GLY A 105 8.39 8.94 23.69
C GLY A 105 6.89 8.79 23.54
N GLY A 106 6.43 8.94 22.29
CA GLY A 106 5.01 8.97 21.99
C GLY A 106 4.44 10.37 21.78
N PHE A 107 3.12 10.42 21.82
CA PHE A 107 2.34 11.62 21.57
C PHE A 107 1.25 11.65 22.61
N ASP A 108 1.03 12.79 23.25
CA ASP A 108 0.02 12.82 24.31
C ASP A 108 -1.32 13.40 23.85
N GLY A 109 -1.45 13.63 22.55
CA GLY A 109 -2.64 14.25 21.96
C GLY A 109 -2.42 15.70 21.56
N SER A 110 -1.40 16.32 22.17
CA SER A 110 -1.04 17.72 21.90
C SER A 110 0.38 17.87 21.42
N THR A 111 1.30 17.15 22.04
N THR A 111 1.30 17.14 22.03
CA THR A 111 2.72 17.27 21.72
CA THR A 111 2.72 17.29 21.70
C THR A 111 3.41 15.90 21.66
C THR A 111 3.44 15.94 21.69
N GLY A 112 4.41 15.79 20.79
CA GLY A 112 5.28 14.63 20.76
C GLY A 112 6.17 14.70 21.99
N LEU A 113 6.66 13.54 22.44
CA LEU A 113 7.39 13.44 23.70
C LEU A 113 8.82 12.98 23.53
N ALA A 114 9.74 13.68 24.19
CA ALA A 114 11.10 13.19 24.35
C ALA A 114 11.23 12.48 25.69
N SER A 115 10.25 12.68 26.56
CA SER A 115 10.34 12.08 27.90
C SER A 115 10.24 10.57 27.84
N VAL A 116 10.83 9.96 28.85
CA VAL A 116 10.88 8.52 28.96
C VAL A 116 10.60 8.18 30.40
N GLU A 117 9.78 7.17 30.64
CA GLU A 117 9.55 6.76 32.02
C GLU A 117 9.62 5.25 32.16
N ALA A 118 9.98 4.80 33.35
CA ALA A 118 10.26 3.40 33.60
C ALA A 118 9.39 2.87 34.73
N TYR A 119 8.98 1.61 34.61
CA TYR A 119 8.05 0.96 35.54
C TYR A 119 8.72 -0.23 36.20
N SER A 120 8.62 -0.29 37.52
CA SER A 120 9.09 -1.44 38.28
C SER A 120 7.88 -2.24 38.75
N TYR A 121 7.77 -3.50 38.37
CA TYR A 121 6.64 -4.33 38.80
C TYR A 121 6.80 -4.70 40.27
N LYS A 122 7.99 -4.48 40.81
CA LYS A 122 8.25 -4.75 42.21
C LYS A 122 7.66 -3.70 43.17
N THR A 123 7.59 -2.46 42.71
CA THR A 123 7.05 -1.35 43.50
C THR A 123 5.72 -0.77 42.92
N ASN A 124 5.40 -1.15 41.69
CA ASN A 124 4.26 -0.57 40.93
C ASN A 124 4.38 0.95 40.79
N GLU A 125 5.59 1.41 40.52
CA GLU A 125 5.83 2.84 40.38
C GLU A 125 6.44 3.11 39.02
N TRP A 126 6.00 4.22 38.43
CA TRP A 126 6.61 4.80 37.25
C TRP A 126 7.46 5.96 37.69
N PHE A 127 8.63 6.08 37.09
CA PHE A 127 9.47 7.24 37.34
C PHE A 127 10.12 7.71 36.05
N PHE A 128 10.30 9.02 35.92
CA PHE A 128 10.98 9.55 34.75
C PHE A 128 12.45 9.18 34.80
N VAL A 129 13.02 8.90 33.63
CA VAL A 129 14.46 8.84 33.49
C VAL A 129 14.86 9.97 32.54
N ALA A 130 16.11 10.00 32.10
CA ALA A 130 16.56 11.07 31.20
C ALA A 130 15.72 11.07 29.93
N PRO A 131 15.38 12.27 29.43
CA PRO A 131 14.64 12.33 28.18
C PRO A 131 15.56 12.16 27.00
N MET A 132 15.01 11.73 25.86
CA MET A 132 15.77 11.64 24.62
C MET A 132 16.21 13.00 24.14
N ASN A 133 17.20 13.03 23.25
CA ASN A 133 17.66 14.30 22.69
C ASN A 133 16.65 14.91 21.72
N THR A 134 15.85 14.04 21.10
CA THR A 134 14.80 14.44 20.18
C THR A 134 13.45 13.89 20.65
N ARG A 135 12.40 14.69 20.56
CA ARG A 135 11.06 14.13 20.77
C ARG A 135 10.74 13.18 19.60
N ARG A 136 10.13 12.06 19.91
CA ARG A 136 9.80 11.03 18.92
C ARG A 136 8.44 10.41 19.20
N SER A 137 7.49 10.71 18.33
CA SER A 137 6.26 9.92 18.25
C SER A 137 6.47 8.86 17.15
N SER A 138 5.58 7.87 17.08
CA SER A 138 5.71 6.74 16.18
C SER A 138 7.13 6.19 16.16
N VAL A 139 7.65 5.96 17.36
CA VAL A 139 9.04 5.59 17.56
C VAL A 139 9.17 4.09 17.81
N GLY A 140 10.14 3.46 17.17
CA GLY A 140 10.41 2.04 17.38
C GLY A 140 11.54 1.90 18.40
N VAL A 141 11.52 0.83 19.19
CA VAL A 141 12.57 0.63 20.17
C VAL A 141 13.06 -0.80 20.18
N GLY A 142 14.26 -0.99 20.66
CA GLY A 142 14.77 -2.33 20.84
C GLY A 142 15.91 -2.32 21.82
N VAL A 143 16.18 -3.45 22.45
CA VAL A 143 17.22 -3.59 23.44
C VAL A 143 18.24 -4.59 22.92
N VAL A 144 19.50 -4.19 22.90
CA VAL A 144 20.59 -5.09 22.54
C VAL A 144 21.68 -4.92 23.57
N GLU A 145 22.12 -6.04 24.14
CA GLU A 145 23.25 -6.04 25.07
C GLU A 145 23.19 -4.94 26.15
N GLY A 146 22.11 -4.83 26.89
CA GLY A 146 22.12 -3.88 27.99
C GLY A 146 22.02 -2.41 27.60
N LYS A 147 21.74 -2.12 26.34
CA LYS A 147 21.41 -0.75 25.92
C LYS A 147 20.03 -0.75 25.23
N LEU A 148 19.33 0.36 25.38
CA LEU A 148 18.01 0.60 24.81
C LEU A 148 18.17 1.57 23.65
N TYR A 149 17.56 1.24 22.51
CA TYR A 149 17.65 2.08 21.31
C TYR A 149 16.29 2.63 20.94
N ALA A 150 16.27 3.91 20.56
CA ALA A 150 15.08 4.57 20.02
C ALA A 150 15.38 4.90 18.57
N VAL A 151 14.56 4.39 17.66
CA VAL A 151 14.85 4.36 16.23
C VAL A 151 13.81 5.17 15.45
N GLY A 152 14.27 6.21 14.79
CA GLY A 152 13.41 6.99 13.92
C GLY A 152 12.27 7.65 14.66
N GLY A 153 11.14 7.73 13.98
CA GLY A 153 9.97 8.37 14.53
C GLY A 153 9.70 9.70 13.89
N TYR A 154 8.88 10.48 14.57
CA TYR A 154 8.46 11.78 14.06
C TYR A 154 8.69 12.85 15.11
N ASP A 155 9.31 13.94 14.68
CA ASP A 155 9.65 15.09 15.52
C ASP A 155 8.75 16.26 15.15
N GLY A 156 7.75 16.48 15.99
CA GLY A 156 6.79 17.53 15.80
C GLY A 156 7.39 18.92 15.92
N ALA A 157 8.56 19.04 16.54
CA ALA A 157 9.21 20.35 16.64
C ALA A 157 9.69 20.84 15.28
N SER A 158 10.27 19.94 14.49
CA SER A 158 10.76 20.29 13.15
C SER A 158 9.80 19.80 12.07
N ARG A 159 8.78 19.05 12.50
CA ARG A 159 7.81 18.40 11.62
C ARG A 159 8.52 17.50 10.59
N GLN A 160 9.50 16.75 11.07
CA GLN A 160 10.26 15.78 10.26
C GLN A 160 10.13 14.33 10.72
N CYS A 161 10.02 13.41 9.77
CA CYS A 161 10.28 12.02 10.06
C CYS A 161 11.78 11.86 10.20
N LEU A 162 12.22 10.94 11.03
CA LEU A 162 13.58 10.91 11.52
C LEU A 162 14.40 9.72 11.02
N SER A 163 15.68 9.98 10.68
CA SER A 163 16.64 8.92 10.41
C SER A 163 17.57 8.73 11.60
N THR A 164 17.46 9.60 12.60
CA THR A 164 18.38 9.53 13.74
C THR A 164 17.97 8.40 14.72
N VAL A 165 18.94 7.98 15.52
CA VAL A 165 18.81 6.84 16.40
C VAL A 165 19.57 7.18 17.69
N GLU A 166 18.94 6.90 18.83
CA GLU A 166 19.55 7.19 20.11
C GLU A 166 19.67 5.95 20.96
N GLN A 167 20.68 5.97 21.83
CA GLN A 167 21.02 4.84 22.69
C GLN A 167 20.98 5.28 24.13
N TYR A 168 20.30 4.50 24.96
CA TYR A 168 20.18 4.78 26.37
C TYR A 168 20.95 3.76 27.20
N ASN A 169 21.69 4.28 28.18
CA ASN A 169 22.45 3.49 29.16
C ASN A 169 21.92 3.76 30.54
N PRO A 170 21.32 2.75 31.19
CA PRO A 170 20.70 2.99 32.49
C PRO A 170 21.71 3.30 33.59
N ALA A 171 22.97 2.87 33.43
CA ALA A 171 23.99 3.16 34.44
C ALA A 171 24.38 4.63 34.45
N THR A 172 24.37 5.26 33.28
CA THR A 172 24.75 6.66 33.19
C THR A 172 23.54 7.58 33.11
N ASN A 173 22.37 6.98 32.82
CA ASN A 173 21.13 7.71 32.61
C ASN A 173 21.30 8.78 31.54
N GLU A 174 21.92 8.38 30.43
CA GLU A 174 22.16 9.28 29.30
C GLU A 174 21.70 8.65 28.03
N TRP A 175 21.11 9.48 27.18
CA TRP A 175 20.82 9.14 25.78
C TRP A 175 21.89 9.77 24.90
N ILE A 176 22.48 9.00 24.00
CA ILE A 176 23.41 9.56 23.03
C ILE A 176 22.97 9.18 21.61
N TYR A 177 23.27 10.02 20.63
CA TYR A 177 23.06 9.62 19.24
C TYR A 177 24.06 8.58 18.80
N VAL A 178 23.58 7.60 18.05
CA VAL A 178 24.46 6.66 17.39
C VAL A 178 24.28 6.89 15.89
N ALA A 179 24.80 5.97 15.07
CA ALA A 179 24.78 6.20 13.62
C ALA A 179 23.34 6.40 13.11
N ASP A 180 23.17 7.42 12.26
CA ASP A 180 21.92 7.62 11.49
C ASP A 180 21.61 6.42 10.62
N MET A 181 20.33 6.13 10.45
CA MET A 181 19.86 5.21 9.43
C MET A 181 20.09 5.82 8.06
N SER A 182 20.03 4.99 7.02
CA SER A 182 20.18 5.49 5.65
C SER A 182 19.00 6.37 5.24
N THR A 183 17.90 6.26 5.96
CA THR A 183 16.68 6.94 5.50
C THR A 183 15.76 7.25 6.65
N ARG A 184 14.93 8.26 6.45
CA ARG A 184 13.98 8.65 7.49
C ARG A 184 12.86 7.62 7.56
N ARG A 185 12.52 7.20 8.78
CA ARG A 185 11.50 6.21 9.06
C ARG A 185 10.70 6.58 10.31
N SER A 186 9.51 7.09 10.10
CA SER A 186 8.49 7.19 11.14
C SER A 186 7.64 5.91 11.10
N GLY A 187 7.28 5.39 12.25
CA GLY A 187 6.46 4.19 12.32
C GLY A 187 7.16 2.95 11.78
N ALA A 188 8.47 2.89 11.94
CA ALA A 188 9.25 1.72 11.55
C ALA A 188 8.87 0.56 12.44
N GLY A 189 8.92 -0.65 11.89
CA GLY A 189 8.82 -1.85 12.67
C GLY A 189 10.20 -2.20 13.17
N VAL A 190 10.44 -2.08 14.47
CA VAL A 190 11.78 -2.29 15.05
C VAL A 190 11.81 -3.51 15.95
N GLY A 191 12.88 -4.29 15.80
CA GLY A 191 13.03 -5.49 16.58
C GLY A 191 14.48 -5.88 16.62
N VAL A 192 14.75 -6.90 17.43
CA VAL A 192 16.10 -7.40 17.64
C VAL A 192 16.16 -8.90 17.35
N LEU A 193 17.15 -9.28 16.56
CA LEU A 193 17.37 -10.67 16.25
C LEU A 193 18.88 -10.95 16.25
N SER A 194 19.30 -11.90 17.07
CA SER A 194 20.71 -12.31 17.16
C SER A 194 21.68 -11.14 17.38
N GLY A 195 21.34 -10.27 18.31
CA GLY A 195 22.20 -9.17 18.67
C GLY A 195 22.22 -8.00 17.72
N GLN A 196 21.35 -8.02 16.70
CA GLN A 196 21.29 -6.97 15.69
C GLN A 196 19.94 -6.27 15.77
N LEU A 197 19.96 -4.98 15.53
CA LEU A 197 18.76 -4.12 15.59
C LEU A 197 18.22 -3.83 14.21
N TYR A 198 16.97 -4.21 13.96
CA TYR A 198 16.34 -4.09 12.65
C TYR A 198 15.38 -2.93 12.65
N ALA A 199 15.45 -2.16 11.58
CA ALA A 199 14.46 -1.14 11.29
C ALA A 199 13.79 -1.49 9.97
N THR A 200 12.51 -1.82 10.02
CA THR A 200 11.74 -2.22 8.83
C THR A 200 10.69 -1.18 8.47
N GLY A 201 10.52 -0.95 7.17
CA GLY A 201 9.46 -0.09 6.70
C GLY A 201 9.46 1.29 7.32
N GLY A 202 8.26 1.74 7.68
CA GLY A 202 8.05 3.09 8.15
C GLY A 202 7.76 4.02 7.00
N HIS A 203 7.68 5.31 7.28
CA HIS A 203 7.33 6.27 6.23
C HIS A 203 8.07 7.59 6.42
N ASP A 204 8.15 8.33 5.33
CA ASP A 204 8.61 9.70 5.37
C ASP A 204 7.55 10.49 4.66
N GLY A 205 6.71 11.17 5.42
CA GLY A 205 5.54 11.82 4.86
C GLY A 205 4.71 10.79 4.11
N PRO A 206 4.30 11.08 2.86
CA PRO A 206 3.43 10.15 2.12
C PRO A 206 4.17 8.93 1.59
N LEU A 207 5.47 8.87 1.76
CA LEU A 207 6.24 7.76 1.20
C LEU A 207 6.41 6.63 2.22
N VAL A 208 5.75 5.50 1.99
CA VAL A 208 5.87 4.33 2.86
C VAL A 208 6.95 3.44 2.29
N ARG A 209 7.69 2.76 3.16
CA ARG A 209 8.86 1.97 2.75
C ARG A 209 8.67 0.46 2.90
N LYS A 210 9.26 -0.29 1.97
CA LYS A 210 9.44 -1.72 2.16
C LYS A 210 10.90 -2.04 2.50
N SER A 211 11.76 -1.04 2.48
CA SER A 211 13.18 -1.29 2.72
C SER A 211 13.46 -1.64 4.17
N VAL A 212 14.59 -2.31 4.38
CA VAL A 212 14.98 -2.79 5.70
C VAL A 212 16.47 -2.54 5.89
N GLU A 213 16.84 -2.08 7.08
CA GLU A 213 18.27 -1.99 7.42
C GLU A 213 18.49 -2.49 8.84
N VAL A 214 19.73 -2.87 9.09
CA VAL A 214 20.10 -3.54 10.32
C VAL A 214 21.38 -2.91 10.88
N TYR A 215 21.39 -2.78 12.20
CA TYR A 215 22.39 -2.08 12.96
C TYR A 215 23.14 -3.04 13.84
N ASP A 216 24.46 -2.99 13.72
CA ASP A 216 25.39 -3.76 14.55
C ASP A 216 26.02 -2.84 15.57
N PRO A 217 25.66 -3.00 16.84
CA PRO A 217 26.21 -2.11 17.84
C PRO A 217 27.73 -2.22 18.00
N GLY A 218 28.29 -3.38 17.71
CA GLY A 218 29.73 -3.57 17.82
C GLY A 218 30.51 -2.72 16.82
N THR A 219 29.85 -2.27 15.76
CA THR A 219 30.51 -1.51 14.67
C THR A 219 29.83 -0.16 14.39
N ASN A 220 28.72 0.11 15.07
CA ASN A 220 27.95 1.35 14.92
C ASN A 220 27.63 1.61 13.46
N THR A 221 27.24 0.55 12.77
CA THR A 221 27.03 0.57 11.34
C THR A 221 25.66 0.03 11.00
N TRP A 222 24.95 0.73 10.10
CA TRP A 222 23.71 0.27 9.50
C TRP A 222 24.04 -0.34 8.15
N LYS A 223 23.37 -1.43 7.78
CA LYS A 223 23.52 -1.97 6.43
C LYS A 223 22.15 -2.33 5.92
N GLN A 224 21.97 -2.19 4.63
CA GLN A 224 20.71 -2.55 4.01
C GLN A 224 20.59 -4.04 3.83
N VAL A 225 19.40 -4.61 4.09
CA VAL A 225 19.16 -6.01 3.76
C VAL A 225 17.95 -6.08 2.80
N ALA A 226 17.48 -7.29 2.52
CA ALA A 226 16.41 -7.49 1.54
C ALA A 226 15.18 -6.70 1.92
N ASP A 227 14.51 -6.14 0.90
CA ASP A 227 13.19 -5.55 1.12
C ASP A 227 12.17 -6.57 1.62
N MET A 228 11.23 -6.08 2.43
CA MET A 228 10.00 -6.81 2.68
C MET A 228 9.19 -7.01 1.40
N ASN A 229 8.28 -7.97 1.44
CA ASN A 229 7.37 -8.17 0.32
C ASN A 229 6.42 -7.00 0.13
N MET A 230 6.06 -6.34 1.22
CA MET A 230 5.08 -5.27 1.19
C MET A 230 5.64 -4.00 1.83
N CYS A 231 5.22 -2.85 1.32
CA CYS A 231 5.35 -1.56 2.02
C CYS A 231 4.58 -1.66 3.32
N ARG A 232 5.22 -1.34 4.45
CA ARG A 232 4.53 -1.35 5.75
C ARG A 232 5.02 -0.23 6.63
N ARG A 233 4.09 0.42 7.29
CA ARG A 233 4.38 1.23 8.45
C ARG A 233 3.43 0.81 9.57
N ASN A 234 3.83 1.09 10.80
CA ASN A 234 3.01 0.82 11.98
C ASN A 234 2.74 -0.67 12.15
N ALA A 235 3.66 -1.50 11.68
CA ALA A 235 3.56 -2.94 11.85
C ALA A 235 4.07 -3.36 13.23
N GLY A 236 3.58 -4.50 13.74
CA GLY A 236 4.13 -5.08 14.96
C GLY A 236 5.32 -5.96 14.62
N VAL A 237 6.32 -5.98 15.48
CA VAL A 237 7.53 -6.78 15.21
C VAL A 237 7.91 -7.61 16.42
N CYS A 238 8.25 -8.88 16.18
CA CYS A 238 8.75 -9.72 17.24
C CYS A 238 9.73 -10.69 16.63
N ALA A 239 10.53 -11.31 17.48
CA ALA A 239 11.53 -12.28 17.03
C ALA A 239 11.26 -13.62 17.64
N VAL A 240 11.34 -14.68 16.84
CA VAL A 240 11.23 -16.00 17.45
C VAL A 240 11.94 -17.04 16.61
N ASN A 241 12.63 -17.95 17.29
CA ASN A 241 13.33 -19.07 16.67
C ASN A 241 14.18 -18.67 15.47
N GLY A 242 14.92 -17.58 15.64
CA GLY A 242 15.92 -17.15 14.69
C GLY A 242 15.38 -16.32 13.55
N LEU A 243 14.10 -15.94 13.63
CA LEU A 243 13.43 -15.21 12.57
C LEU A 243 12.77 -13.93 13.10
N LEU A 244 12.69 -12.92 12.24
CA LEU A 244 12.00 -11.66 12.61
C LEU A 244 10.65 -11.59 11.93
N TYR A 245 9.59 -11.49 12.73
CA TYR A 245 8.22 -11.42 12.20
C TYR A 245 7.70 -10.02 12.23
N VAL A 246 7.09 -9.64 11.12
CA VAL A 246 6.52 -8.32 10.94
C VAL A 246 5.06 -8.54 10.64
N VAL A 247 4.19 -7.95 11.46
CA VAL A 247 2.75 -8.28 11.47
C VAL A 247 1.88 -7.08 11.14
N GLY A 248 1.06 -7.21 10.10
CA GLY A 248 0.09 -6.18 9.78
C GLY A 248 0.75 -4.86 9.43
N GLY A 249 0.18 -3.78 9.96
CA GLY A 249 0.62 -2.45 9.64
C GLY A 249 -0.30 -1.88 8.59
N ASP A 250 0.14 -0.79 7.96
CA ASP A 250 -0.65 -0.18 6.93
C ASP A 250 0.26 0.42 5.87
N ASP A 251 -0.33 0.77 4.74
CA ASP A 251 0.43 1.37 3.65
C ASP A 251 0.04 2.83 3.51
N GLY A 252 -0.55 3.37 4.57
CA GLY A 252 -1.11 4.70 4.56
C GLY A 252 -2.58 4.76 4.23
N SER A 253 -3.11 3.70 3.62
CA SER A 253 -4.52 3.65 3.22
C SER A 253 -5.23 2.40 3.71
N CYS A 254 -4.66 1.23 3.41
CA CYS A 254 -5.24 -0.06 3.80
C CYS A 254 -4.48 -0.58 5.00
N ASN A 255 -5.20 -1.20 5.92
CA ASN A 255 -4.57 -1.95 6.97
C ASN A 255 -4.33 -3.34 6.44
N LEU A 256 -3.17 -3.89 6.77
CA LEU A 256 -2.71 -5.13 6.17
C LEU A 256 -3.03 -6.36 7.05
N ALA A 257 -3.42 -7.46 6.41
CA ALA A 257 -3.79 -8.68 7.12
C ALA A 257 -2.64 -9.67 7.12
N SER A 258 -1.60 -9.40 6.33
CA SER A 258 -0.51 -10.35 6.15
C SER A 258 0.59 -10.20 7.20
N VAL A 259 1.38 -11.24 7.32
CA VAL A 259 2.57 -11.29 8.17
C VAL A 259 3.73 -11.80 7.30
N GLU A 260 4.93 -11.28 7.49
CA GLU A 260 6.09 -11.85 6.84
C GLU A 260 7.25 -11.90 7.81
N TYR A 261 8.13 -12.86 7.58
CA TYR A 261 9.27 -13.07 8.47
C TYR A 261 10.57 -13.12 7.70
N TYR A 262 11.61 -12.67 8.38
CA TYR A 262 12.92 -12.53 7.82
C TYR A 262 13.86 -13.56 8.38
N ASN A 263 14.59 -14.20 7.48
CA ASN A 263 15.67 -15.11 7.84
C ASN A 263 16.99 -14.42 7.52
N PRO A 264 17.78 -14.09 8.55
CA PRO A 264 19.02 -13.33 8.30
C PRO A 264 20.12 -14.12 7.65
N VAL A 265 20.01 -15.44 7.68
CA VAL A 265 21.02 -16.30 7.12
C VAL A 265 20.85 -16.32 5.61
N THR A 266 19.60 -16.41 5.16
CA THR A 266 19.30 -16.48 3.74
C THR A 266 18.96 -15.12 3.12
N ASP A 267 18.73 -14.13 3.97
CA ASP A 267 18.39 -12.77 3.54
C ASP A 267 17.13 -12.80 2.68
N LYS A 268 16.14 -13.53 3.17
CA LYS A 268 14.85 -13.68 2.49
C LYS A 268 13.70 -13.33 3.41
N TRP A 269 12.72 -12.62 2.84
CA TRP A 269 11.45 -12.35 3.48
C TRP A 269 10.37 -13.27 2.91
N THR A 270 9.60 -13.89 3.80
CA THR A 270 8.59 -14.87 3.42
C THR A 270 7.26 -14.54 4.09
N LEU A 271 6.18 -14.60 3.31
CA LEU A 271 4.84 -14.38 3.84
C LEU A 271 4.36 -15.61 4.59
N LEU A 272 3.75 -15.38 5.76
CA LEU A 272 3.00 -16.43 6.46
C LEU A 272 1.92 -16.95 5.55
N PRO A 273 1.67 -18.27 5.57
CA PRO A 273 0.70 -18.82 4.61
C PRO A 273 -0.75 -18.48 4.93
N THR A 274 -1.01 -18.00 6.14
CA THR A 274 -2.36 -17.68 6.55
C THR A 274 -2.46 -16.27 7.13
N ASN A 275 -3.18 -15.39 6.44
CA ASN A 275 -3.39 -14.04 6.93
C ASN A 275 -4.30 -13.98 8.16
N MET A 276 -4.22 -12.87 8.87
CA MET A 276 -5.22 -12.56 9.88
C MET A 276 -6.57 -12.44 9.18
N SER A 277 -7.67 -12.55 9.93
CA SER A 277 -9.02 -12.52 9.33
C SER A 277 -9.38 -11.11 8.82
N THR A 278 -8.71 -10.10 9.35
CA THR A 278 -8.90 -8.74 8.90
C THR A 278 -7.58 -7.98 8.99
N GLY A 279 -7.46 -6.91 8.19
CA GLY A 279 -6.30 -6.05 8.26
C GLY A 279 -6.25 -5.34 9.61
N ARG A 280 -5.05 -5.07 10.09
CA ARG A 280 -4.88 -4.49 11.40
C ARG A 280 -3.58 -3.71 11.45
N SER A 281 -3.66 -2.47 11.88
CA SER A 281 -2.45 -1.66 12.05
C SER A 281 -2.34 -1.11 13.48
N TYR A 282 -1.17 -0.56 13.80
CA TYR A 282 -0.85 -0.05 15.14
C TYR A 282 -1.15 -1.07 16.22
N ALA A 283 -0.91 -2.33 15.91
CA ALA A 283 -1.08 -3.42 16.85
C ALA A 283 0.29 -3.93 17.29
N GLY A 284 0.49 -4.09 18.58
CA GLY A 284 1.77 -4.61 19.06
C GLY A 284 1.69 -6.11 19.10
N VAL A 285 2.86 -6.76 19.13
N VAL A 285 2.85 -6.75 19.16
CA VAL A 285 2.95 -8.21 18.99
CA VAL A 285 2.91 -8.19 19.09
C VAL A 285 4.04 -8.77 19.90
C VAL A 285 3.95 -8.70 20.08
N ALA A 286 3.78 -9.94 20.49
CA ALA A 286 4.75 -10.62 21.34
C ALA A 286 4.61 -12.11 21.16
N VAL A 287 5.68 -12.82 21.49
CA VAL A 287 5.68 -14.28 21.45
C VAL A 287 5.71 -14.83 22.87
N ILE A 288 4.83 -15.79 23.13
CA ILE A 288 4.78 -16.46 24.44
C ILE A 288 4.62 -17.96 24.23
N HIS A 289 4.73 -18.72 25.32
CA HIS A 289 4.48 -20.15 25.23
C HIS A 289 3.00 -20.43 25.26
N LYS A 290 2.61 -21.50 24.58
CA LYS A 290 1.21 -21.86 24.41
C LYS A 290 0.67 -22.38 25.72
N PRO B 5 -5.82 -21.33 -26.27
CA PRO B 5 -5.02 -21.00 -25.07
C PRO B 5 -4.69 -19.53 -25.05
N LYS B 6 -5.14 -18.85 -24.00
CA LYS B 6 -5.02 -17.40 -23.98
C LYS B 6 -3.87 -17.05 -23.06
N VAL B 7 -3.31 -15.88 -23.29
CA VAL B 7 -2.29 -15.33 -22.44
C VAL B 7 -2.64 -13.88 -22.16
N MET B 8 -2.11 -13.37 -21.06
CA MET B 8 -2.31 -12.00 -20.68
C MET B 8 -1.03 -11.22 -20.96
N ILE B 9 -1.15 -10.15 -21.73
CA ILE B 9 0.02 -9.32 -22.05
C ILE B 9 0.03 -8.05 -21.20
N VAL B 10 1.18 -7.74 -20.64
CA VAL B 10 1.33 -6.59 -19.76
C VAL B 10 2.40 -5.68 -20.37
N VAL B 11 2.02 -4.46 -20.70
CA VAL B 11 2.81 -3.60 -21.57
C VAL B 11 3.39 -2.39 -20.82
N GLY B 12 4.71 -2.36 -20.71
CA GLY B 12 5.40 -1.26 -20.07
C GLY B 12 5.02 -1.09 -18.61
N GLY B 13 5.09 0.16 -18.16
CA GLY B 13 4.84 0.50 -16.76
C GLY B 13 6.03 1.07 -16.04
N GLN B 14 5.83 1.31 -14.74
CA GLN B 14 6.84 1.87 -13.83
C GLN B 14 7.32 0.77 -12.91
N ALA B 15 8.64 0.61 -12.81
CA ALA B 15 9.21 -0.46 -11.99
C ALA B 15 10.64 -0.19 -11.53
N PRO B 16 10.87 0.96 -10.88
CA PRO B 16 9.95 2.05 -10.59
C PRO B 16 9.99 3.14 -11.65
N LYS B 17 10.91 3.06 -12.61
CA LYS B 17 10.91 4.05 -13.70
C LYS B 17 10.20 3.43 -14.90
N ALA B 18 9.94 4.23 -15.93
CA ALA B 18 9.37 3.74 -17.18
C ALA B 18 10.25 2.65 -17.75
N ILE B 19 9.61 1.60 -18.29
CA ILE B 19 10.34 0.45 -18.81
C ILE B 19 9.89 0.08 -20.24
N ARG B 20 10.73 -0.73 -20.89
CA ARG B 20 10.44 -1.25 -22.22
C ARG B 20 9.75 -2.60 -22.13
N SER B 21 9.90 -3.27 -20.98
CA SER B 21 9.45 -4.64 -20.78
C SER B 21 7.97 -4.88 -21.11
N VAL B 22 7.75 -5.94 -21.86
CA VAL B 22 6.44 -6.49 -22.13
C VAL B 22 6.47 -7.96 -21.72
N GLU B 23 5.56 -8.30 -20.80
CA GLU B 23 5.48 -9.61 -20.21
C GLU B 23 4.20 -10.27 -20.66
N CYS B 24 4.20 -11.58 -20.54
CA CYS B 24 3.11 -12.42 -20.96
C CYS B 24 2.88 -13.41 -19.85
N TYR B 25 1.67 -13.46 -19.30
CA TYR B 25 1.32 -14.52 -18.37
C TYR B 25 0.57 -15.63 -19.08
N ASP B 26 1.12 -16.84 -19.02
CA ASP B 26 0.51 -18.00 -19.65
C ASP B 26 -0.38 -18.68 -18.64
N PHE B 27 -1.69 -18.53 -18.81
CA PHE B 27 -2.63 -19.09 -17.83
C PHE B 27 -2.47 -20.59 -17.59
N GLU B 28 -2.39 -21.39 -18.66
CA GLU B 28 -2.33 -22.83 -18.49
C GLU B 28 -1.04 -23.28 -17.81
N GLU B 29 0.05 -22.57 -18.06
CA GLU B 29 1.36 -22.95 -17.53
C GLU B 29 1.73 -22.25 -16.24
N ASP B 30 0.94 -21.25 -15.87
CA ASP B 30 1.17 -20.47 -14.66
C ASP B 30 2.60 -19.89 -14.62
N ARG B 31 2.98 -19.22 -15.70
CA ARG B 31 4.33 -18.73 -15.87
C ARG B 31 4.35 -17.37 -16.56
N TRP B 32 5.23 -16.50 -16.09
CA TRP B 32 5.48 -15.22 -16.73
C TRP B 32 6.69 -15.34 -17.65
N ASP B 33 6.60 -14.74 -18.84
CA ASP B 33 7.72 -14.69 -19.78
C ASP B 33 7.78 -13.30 -20.41
N GLN B 34 8.99 -12.88 -20.78
CA GLN B 34 9.19 -11.66 -21.53
C GLN B 34 8.93 -11.92 -23.00
N ILE B 35 8.23 -11.01 -23.66
CA ILE B 35 8.14 -11.06 -25.12
C ILE B 35 8.78 -9.79 -25.63
N ALA B 36 8.63 -9.49 -26.91
CA ALA B 36 9.30 -8.34 -27.52
C ALA B 36 9.07 -7.05 -26.74
N GLU B 37 10.18 -6.39 -26.42
CA GLU B 37 10.14 -5.11 -25.72
C GLU B 37 9.56 -4.00 -26.61
N LEU B 38 8.99 -2.99 -25.99
CA LEU B 38 8.59 -1.80 -26.69
C LEU B 38 9.81 -1.14 -27.32
N PRO B 39 9.61 -0.38 -28.40
CA PRO B 39 10.77 0.32 -28.99
C PRO B 39 11.45 1.31 -28.05
N SER B 40 10.69 1.81 -27.07
N SER B 40 10.70 1.85 -27.10
CA SER B 40 11.19 2.82 -26.15
CA SER B 40 11.24 2.80 -26.14
C SER B 40 10.51 2.64 -24.80
C SER B 40 10.51 2.67 -24.82
N ARG B 41 11.09 3.24 -23.77
CA ARG B 41 10.54 3.12 -22.41
C ARG B 41 9.19 3.79 -22.34
N ARG B 42 8.24 3.12 -21.68
CA ARG B 42 6.86 3.58 -21.63
C ARG B 42 6.14 3.18 -20.36
N CYS B 43 5.42 4.13 -19.79
CA CYS B 43 4.46 3.85 -18.77
C CYS B 43 3.24 4.73 -19.03
N ARG B 44 2.17 4.44 -18.34
CA ARG B 44 0.94 5.26 -18.41
C ARG B 44 0.31 5.31 -19.80
N ALA B 45 0.52 4.25 -20.58
CA ALA B 45 -0.06 4.13 -21.90
C ALA B 45 -1.38 3.42 -21.84
N GLY B 46 -2.18 3.61 -22.89
CA GLY B 46 -3.41 2.86 -23.07
C GLY B 46 -3.15 1.63 -23.91
N VAL B 47 -3.74 0.51 -23.52
CA VAL B 47 -3.57 -0.75 -24.24
C VAL B 47 -4.90 -1.39 -24.52
N VAL B 48 -5.08 -1.84 -25.76
CA VAL B 48 -6.32 -2.49 -26.20
C VAL B 48 -6.01 -3.61 -27.14
N PHE B 49 -6.92 -4.57 -27.20
CA PHE B 49 -6.89 -5.54 -28.29
C PHE B 49 -7.96 -5.13 -29.29
N MET B 50 -7.58 -4.98 -30.55
CA MET B 50 -8.47 -4.56 -31.63
C MET B 50 -8.22 -5.32 -32.92
N ALA B 51 -9.26 -5.95 -33.45
CA ALA B 51 -9.17 -6.60 -34.75
C ALA B 51 -7.92 -7.48 -34.88
N GLY B 52 -7.71 -8.33 -33.90
CA GLY B 52 -6.63 -9.31 -33.98
C GLY B 52 -5.26 -8.89 -33.49
N HIS B 53 -5.08 -7.63 -33.06
CA HIS B 53 -3.77 -7.17 -32.56
C HIS B 53 -3.83 -6.32 -31.31
N VAL B 54 -2.74 -6.34 -30.55
CA VAL B 54 -2.61 -5.46 -29.40
C VAL B 54 -2.02 -4.12 -29.84
N TYR B 55 -2.69 -3.06 -29.43
CA TYR B 55 -2.27 -1.67 -29.64
C TYR B 55 -1.82 -1.05 -28.33
N ALA B 56 -0.73 -0.28 -28.40
CA ALA B 56 -0.22 0.48 -27.27
C ALA B 56 -0.18 1.96 -27.62
N VAL B 57 -0.85 2.78 -26.81
CA VAL B 57 -1.17 4.16 -27.17
C VAL B 57 -0.65 5.18 -26.15
N GLY B 58 0.17 6.14 -26.60
CA GLY B 58 0.62 7.23 -25.74
C GLY B 58 1.47 6.81 -24.55
N GLY B 59 1.37 7.57 -23.48
CA GLY B 59 2.11 7.31 -22.26
C GLY B 59 3.20 8.32 -21.99
N PHE B 60 4.19 7.86 -21.26
CA PHE B 60 5.23 8.69 -20.69
C PHE B 60 6.54 7.94 -20.83
N ASN B 61 7.59 8.62 -21.27
CA ASN B 61 8.87 7.93 -21.50
C ASN B 61 9.89 8.17 -20.38
N GLY B 62 9.44 8.77 -19.29
CA GLY B 62 10.32 9.08 -18.18
C GLY B 62 10.65 10.56 -18.16
N SER B 63 10.56 11.20 -19.33
CA SER B 63 10.83 12.64 -19.44
C SER B 63 9.67 13.42 -20.03
N LEU B 64 9.11 12.91 -21.12
CA LEU B 64 8.02 13.57 -21.85
C LEU B 64 6.81 12.66 -22.01
N ARG B 65 5.65 13.27 -22.13
CA ARG B 65 4.45 12.57 -22.53
C ARG B 65 4.50 12.43 -24.04
N VAL B 66 3.94 11.34 -24.57
CA VAL B 66 4.10 11.02 -25.99
C VAL B 66 2.78 10.82 -26.71
N ARG B 67 2.83 10.97 -28.03
CA ARG B 67 1.67 10.75 -28.87
C ARG B 67 1.82 9.48 -29.74
N THR B 68 2.90 8.75 -29.51
CA THR B 68 3.20 7.57 -30.28
C THR B 68 2.20 6.44 -30.05
N VAL B 69 2.05 5.63 -31.10
CA VAL B 69 1.15 4.49 -31.11
C VAL B 69 1.87 3.31 -31.78
N ASP B 70 1.88 2.15 -31.12
CA ASP B 70 2.49 0.96 -31.68
C ASP B 70 1.49 -0.18 -31.74
N VAL B 71 1.73 -1.11 -32.66
CA VAL B 71 0.90 -2.30 -32.79
C VAL B 71 1.81 -3.52 -32.70
N TYR B 72 1.30 -4.57 -32.05
CA TYR B 72 2.08 -5.78 -31.82
C TYR B 72 1.66 -6.93 -32.73
N ASP B 73 2.66 -7.52 -33.39
CA ASP B 73 2.49 -8.70 -34.23
C ASP B 73 2.98 -9.93 -33.47
N GLY B 74 2.04 -10.76 -33.04
CA GLY B 74 2.39 -11.92 -32.25
C GLY B 74 3.11 -12.99 -33.04
N VAL B 75 2.87 -13.04 -34.34
CA VAL B 75 3.51 -14.02 -35.19
C VAL B 75 5.02 -13.79 -35.27
N LYS B 76 5.41 -12.54 -35.48
CA LYS B 76 6.82 -12.21 -35.63
C LYS B 76 7.42 -11.71 -34.32
N ASP B 77 6.58 -11.50 -33.31
CA ASP B 77 7.01 -10.97 -32.00
C ASP B 77 7.69 -9.65 -32.21
N GLN B 78 6.94 -8.72 -32.79
CA GLN B 78 7.50 -7.45 -33.27
C GLN B 78 6.52 -6.30 -33.11
N TRP B 79 6.99 -5.18 -32.57
CA TRP B 79 6.18 -3.96 -32.48
C TRP B 79 6.48 -3.09 -33.68
N THR B 80 5.44 -2.42 -34.18
CA THR B 80 5.57 -1.49 -35.30
C THR B 80 4.92 -0.19 -34.91
N SER B 81 5.39 0.90 -35.50
N SER B 81 5.45 0.95 -35.33
CA SER B 81 4.80 2.22 -35.27
CA SER B 81 4.76 2.20 -35.06
C SER B 81 3.71 2.48 -36.26
C SER B 81 3.78 2.55 -36.19
N ILE B 82 2.63 3.07 -35.80
CA ILE B 82 1.56 3.52 -36.69
C ILE B 82 1.29 4.99 -36.41
N ALA B 83 0.21 5.52 -36.97
CA ALA B 83 -0.02 6.97 -36.87
C ALA B 83 -0.03 7.43 -35.43
N SER B 84 0.68 8.52 -35.17
CA SER B 84 0.66 9.13 -33.84
C SER B 84 -0.60 9.91 -33.61
N MET B 85 -1.02 10.03 -32.35
CA MET B 85 -2.17 10.83 -32.03
C MET B 85 -1.92 12.28 -32.32
N GLN B 86 -2.99 13.05 -32.39
CA GLN B 86 -2.88 14.49 -32.55
C GLN B 86 -2.28 15.14 -31.30
N GLU B 87 -2.66 14.65 -30.12
CA GLU B 87 -2.16 15.16 -28.85
C GLU B 87 -1.31 14.13 -28.11
N ARG B 88 -0.31 14.63 -27.40
CA ARG B 88 0.40 13.82 -26.44
C ARG B 88 -0.60 13.47 -25.35
N ARG B 89 -0.71 12.19 -24.98
CA ARG B 89 -1.62 11.80 -23.92
C ARG B 89 -0.95 10.75 -23.05
N SER B 90 -0.95 11.03 -21.76
CA SER B 90 -0.46 10.09 -20.75
C SER B 90 -1.52 9.93 -19.65
N THR B 91 -1.62 8.72 -19.11
CA THR B 91 -2.69 8.30 -18.19
C THR B 91 -4.07 8.46 -18.82
N LEU B 92 -4.12 8.33 -20.14
CA LEU B 92 -5.38 8.31 -20.87
C LEU B 92 -6.11 6.99 -20.71
N GLY B 93 -7.36 6.97 -21.15
CA GLY B 93 -8.10 5.73 -21.32
C GLY B 93 -8.10 5.36 -22.78
N ALA B 94 -8.03 4.05 -23.04
CA ALA B 94 -8.11 3.54 -24.41
C ALA B 94 -9.13 2.45 -24.49
N ALA B 95 -10.00 2.52 -25.48
CA ALA B 95 -11.04 1.50 -25.68
C ALA B 95 -11.38 1.34 -27.15
N VAL B 96 -12.04 0.24 -27.47
CA VAL B 96 -12.45 -0.07 -28.81
C VAL B 96 -13.98 -0.08 -28.90
N LEU B 97 -14.53 0.70 -29.82
CA LEU B 97 -15.96 0.77 -30.03
C LEU B 97 -16.22 0.84 -31.52
N ASN B 98 -16.99 -0.11 -32.02
CA ASN B 98 -17.26 -0.26 -33.45
C ASN B 98 -15.98 -0.23 -34.25
N ASP B 99 -14.98 -0.96 -33.77
CA ASP B 99 -13.75 -1.14 -34.55
C ASP B 99 -12.93 0.16 -34.68
N LEU B 100 -13.25 1.17 -33.89
CA LEU B 100 -12.41 2.37 -33.77
C LEU B 100 -11.76 2.37 -32.41
N LEU B 101 -10.50 2.78 -32.39
CA LEU B 101 -9.77 2.90 -31.15
C LEU B 101 -9.88 4.33 -30.62
N TYR B 102 -10.49 4.46 -29.44
CA TYR B 102 -10.70 5.77 -28.83
C TYR B 102 -9.65 6.04 -27.76
N ALA B 103 -9.03 7.21 -27.86
CA ALA B 103 -8.06 7.73 -26.89
C ALA B 103 -8.72 8.86 -26.13
N VAL B 104 -8.94 8.61 -24.84
CA VAL B 104 -9.81 9.44 -24.01
C VAL B 104 -9.02 10.17 -22.94
N GLY B 105 -9.05 11.50 -23.00
CA GLY B 105 -8.46 12.35 -22.00
C GLY B 105 -6.98 12.11 -21.86
N GLY B 106 -6.54 12.12 -20.61
CA GLY B 106 -5.13 12.03 -20.29
C GLY B 106 -4.53 13.37 -19.92
N PHE B 107 -3.21 13.40 -19.94
CA PHE B 107 -2.41 14.54 -19.52
C PHE B 107 -1.31 14.71 -20.56
N ASP B 108 -1.07 15.94 -21.01
CA ASP B 108 -0.04 16.15 -22.06
C ASP B 108 1.27 16.69 -21.49
N GLY B 109 1.39 16.79 -20.18
CA GLY B 109 2.57 17.36 -19.56
C GLY B 109 2.33 18.76 -19.01
N SER B 110 1.31 19.44 -19.50
CA SER B 110 0.98 20.79 -19.06
C SER B 110 -0.44 20.85 -18.54
N THR B 111 -1.36 20.22 -19.28
CA THR B 111 -2.76 20.28 -18.91
C THR B 111 -3.41 18.91 -19.07
N GLY B 112 -4.41 18.70 -18.24
CA GLY B 112 -5.29 17.55 -18.36
C GLY B 112 -6.20 17.78 -19.55
N LEU B 113 -6.67 16.70 -20.15
CA LEU B 113 -7.39 16.78 -21.41
C LEU B 113 -8.82 16.33 -21.28
N ALA B 114 -9.74 17.10 -21.87
CA ALA B 114 -11.13 16.66 -22.06
C ALA B 114 -11.28 16.11 -23.47
N SER B 115 -10.32 16.39 -24.32
CA SER B 115 -10.43 15.99 -25.72
C SER B 115 -10.34 14.47 -25.87
N VAL B 116 -10.92 14.02 -26.96
CA VAL B 116 -10.99 12.61 -27.30
C VAL B 116 -10.70 12.49 -28.78
N GLU B 117 -9.92 11.50 -29.16
CA GLU B 117 -9.69 11.23 -30.58
C GLU B 117 -9.79 9.74 -30.86
N ALA B 118 -10.09 9.43 -32.11
CA ALA B 118 -10.36 8.07 -32.55
C ALA B 118 -9.54 7.69 -33.75
N TYR B 119 -9.13 6.42 -33.76
CA TYR B 119 -8.21 5.90 -34.75
C TYR B 119 -8.86 4.81 -35.59
N SER B 120 -8.71 4.96 -36.89
CA SER B 120 -9.08 3.93 -37.86
C SER B 120 -7.86 3.19 -38.39
N TYR B 121 -7.80 1.89 -38.18
CA TYR B 121 -6.67 1.11 -38.67
C TYR B 121 -6.77 0.90 -40.17
N LYS B 122 -7.94 1.13 -40.74
CA LYS B 122 -8.10 0.93 -42.19
C LYS B 122 -7.44 2.06 -42.97
N THR B 123 -7.46 3.25 -42.41
CA THR B 123 -6.90 4.44 -43.04
C THR B 123 -5.62 4.92 -42.34
N ASN B 124 -5.34 4.34 -41.18
CA ASN B 124 -4.19 4.75 -40.37
C ASN B 124 -4.21 6.24 -40.06
N GLU B 125 -5.37 6.74 -39.63
CA GLU B 125 -5.59 8.15 -39.32
C GLU B 125 -6.27 8.34 -37.97
N TRP B 126 -5.88 9.37 -37.22
CA TRP B 126 -6.59 9.82 -36.03
C TRP B 126 -7.43 11.07 -36.32
N PHE B 127 -8.62 11.16 -35.72
N PHE B 127 -8.61 11.16 -35.69
CA PHE B 127 -9.43 12.36 -35.81
CA PHE B 127 -9.44 12.35 -35.81
C PHE B 127 -10.13 12.62 -34.49
C PHE B 127 -10.12 12.62 -34.48
N PHE B 128 -10.36 13.89 -34.18
CA PHE B 128 -11.09 14.24 -32.96
C PHE B 128 -12.57 13.88 -33.08
N VAL B 129 -13.12 13.48 -31.93
CA VAL B 129 -14.57 13.41 -31.74
C VAL B 129 -14.92 14.39 -30.63
N ALA B 130 -16.16 14.32 -30.13
CA ALA B 130 -16.57 15.27 -29.12
C ALA B 130 -15.73 15.16 -27.86
N PRO B 131 -15.41 16.31 -27.23
CA PRO B 131 -14.70 16.26 -25.94
C PRO B 131 -15.62 15.96 -24.76
N MET B 132 -15.05 15.40 -23.70
CA MET B 132 -15.79 15.17 -22.47
C MET B 132 -16.20 16.48 -21.81
N ASN B 133 -17.18 16.40 -20.92
CA ASN B 133 -17.61 17.57 -20.16
C ASN B 133 -16.59 18.02 -19.12
N THR B 134 -15.82 17.07 -18.60
CA THR B 134 -14.78 17.32 -17.61
C THR B 134 -13.45 16.83 -18.17
N ARG B 135 -12.39 17.60 -18.00
CA ARG B 135 -11.08 17.03 -18.30
C ARG B 135 -10.77 15.92 -17.28
N ARG B 136 -10.18 14.85 -17.78
CA ARG B 136 -9.86 13.68 -16.97
C ARG B 136 -8.52 13.08 -17.35
N SER B 137 -7.56 13.19 -16.44
CA SER B 137 -6.36 12.39 -16.51
C SER B 137 -6.54 11.21 -15.53
N SER B 138 -5.64 10.24 -15.59
CA SER B 138 -5.77 8.98 -14.85
C SER B 138 -7.21 8.45 -14.91
N VAL B 139 -7.71 8.38 -16.14
CA VAL B 139 -9.11 8.06 -16.40
C VAL B 139 -9.21 6.63 -16.92
N GLY B 140 -10.16 5.89 -16.36
CA GLY B 140 -10.43 4.53 -16.79
C GLY B 140 -11.60 4.56 -17.74
N VAL B 141 -11.63 3.63 -18.69
CA VAL B 141 -12.70 3.57 -19.67
C VAL B 141 -13.21 2.15 -19.87
N GLY B 142 -14.44 2.06 -20.37
CA GLY B 142 -14.99 0.78 -20.75
C GLY B 142 -16.11 0.99 -21.74
N VAL B 143 -16.37 -0.05 -22.53
CA VAL B 143 -17.39 -0.02 -23.58
C VAL B 143 -18.41 -1.06 -23.27
N VAL B 144 -19.66 -0.62 -23.20
CA VAL B 144 -20.78 -1.54 -23.00
C VAL B 144 -21.95 -1.13 -23.87
N GLU B 145 -22.53 -2.11 -24.55
CA GLU B 145 -23.76 -1.92 -25.30
C GLU B 145 -23.68 -0.67 -26.19
N GLY B 146 -22.59 -0.54 -26.96
CA GLY B 146 -22.44 0.53 -27.93
C GLY B 146 -22.15 1.90 -27.37
N LYS B 147 -21.84 1.97 -26.09
CA LYS B 147 -21.47 3.22 -25.44
C LYS B 147 -20.09 3.12 -24.85
N LEU B 148 -19.40 4.26 -24.83
CA LEU B 148 -18.09 4.38 -24.23
C LEU B 148 -18.21 5.17 -22.93
N TYR B 149 -17.66 4.65 -21.85
CA TYR B 149 -17.73 5.30 -20.54
C TYR B 149 -16.39 5.76 -20.08
N ALA B 150 -16.36 6.97 -19.53
CA ALA B 150 -15.18 7.52 -18.88
C ALA B 150 -15.49 7.63 -17.38
N VAL B 151 -14.67 6.96 -16.59
CA VAL B 151 -14.96 6.68 -15.18
C VAL B 151 -13.95 7.38 -14.29
N GLY B 152 -14.42 8.33 -13.50
CA GLY B 152 -13.55 8.97 -12.53
C GLY B 152 -12.40 9.69 -13.19
N GLY B 153 -11.24 9.65 -12.54
CA GLY B 153 -10.05 10.33 -13.01
C GLY B 153 -9.78 11.54 -12.16
N TYR B 154 -8.96 12.42 -12.71
CA TYR B 154 -8.52 13.63 -12.04
C TYR B 154 -8.72 14.85 -12.91
N ASP B 155 -9.35 15.87 -12.33
CA ASP B 155 -9.62 17.12 -13.02
C ASP B 155 -8.69 18.21 -12.51
N GLY B 156 -7.67 18.53 -13.29
CA GLY B 156 -6.70 19.56 -12.92
C GLY B 156 -7.26 20.96 -12.88
N ALA B 157 -8.40 21.19 -13.53
CA ALA B 157 -9.07 22.49 -13.49
C ALA B 157 -9.63 22.78 -12.11
N SER B 158 -10.17 21.75 -11.45
CA SER B 158 -10.73 21.91 -10.10
C SER B 158 -9.83 21.31 -9.04
N ARG B 159 -8.79 20.62 -9.48
CA ARG B 159 -7.89 19.85 -8.60
C ARG B 159 -8.60 18.77 -7.76
N GLN B 160 -9.59 18.11 -8.38
CA GLN B 160 -10.35 17.05 -7.70
C GLN B 160 -10.16 15.66 -8.33
N CYS B 161 -10.04 14.64 -7.49
CA CYS B 161 -10.27 13.28 -7.96
C CYS B 161 -11.78 13.11 -8.10
N LEU B 162 -12.21 12.37 -9.11
CA LEU B 162 -13.59 12.42 -9.59
C LEU B 162 -14.41 11.17 -9.28
N SER B 163 -15.66 11.38 -8.87
CA SER B 163 -16.65 10.32 -8.73
C SER B 163 -17.61 10.31 -9.93
N THR B 164 -17.49 11.31 -10.80
CA THR B 164 -18.39 11.43 -11.93
C THR B 164 -17.97 10.48 -13.04
N VAL B 165 -18.95 10.18 -13.88
CA VAL B 165 -18.84 9.19 -14.93
C VAL B 165 -19.60 9.75 -16.11
N GLU B 166 -18.99 9.67 -17.29
CA GLU B 166 -19.63 10.17 -18.51
C GLU B 166 -19.75 9.06 -19.53
N GLN B 167 -20.77 9.19 -20.37
CA GLN B 167 -21.14 8.23 -21.38
C GLN B 167 -21.15 8.87 -22.75
N TYR B 168 -20.51 8.23 -23.70
CA TYR B 168 -20.39 8.69 -25.08
C TYR B 168 -21.12 7.77 -26.04
N ASN B 169 -21.86 8.37 -26.96
CA ASN B 169 -22.52 7.63 -28.03
C ASN B 169 -22.04 8.15 -29.36
N PRO B 170 -21.36 7.31 -30.17
CA PRO B 170 -20.84 7.78 -31.47
C PRO B 170 -21.93 8.27 -32.39
N ALA B 171 -23.14 7.76 -32.21
CA ALA B 171 -24.26 8.16 -33.08
C ALA B 171 -24.67 9.60 -32.83
N THR B 172 -24.57 10.04 -31.57
CA THR B 172 -24.93 11.41 -31.21
C THR B 172 -23.70 12.31 -31.11
N ASN B 173 -22.52 11.71 -31.04
CA ASN B 173 -21.27 12.43 -30.83
C ASN B 173 -21.40 13.35 -29.61
N GLU B 174 -22.00 12.83 -28.55
CA GLU B 174 -22.23 13.59 -27.35
C GLU B 174 -21.81 12.80 -26.10
N TRP B 175 -21.20 13.48 -25.14
CA TRP B 175 -20.93 12.95 -23.80
C TRP B 175 -21.99 13.47 -22.87
N ILE B 176 -22.56 12.57 -22.06
CA ILE B 176 -23.45 12.95 -20.98
C ILE B 176 -22.99 12.35 -19.67
N TYR B 177 -23.30 13.02 -18.55
CA TYR B 177 -23.09 12.41 -17.25
C TYR B 177 -24.09 11.33 -16.99
N VAL B 178 -23.62 10.22 -16.44
CA VAL B 178 -24.53 9.21 -15.92
C VAL B 178 -24.31 9.17 -14.41
N ALA B 179 -24.81 8.14 -13.73
CA ALA B 179 -24.75 8.11 -12.28
C ALA B 179 -23.32 8.24 -11.76
N ASP B 180 -23.14 9.11 -10.78
CA ASP B 180 -21.91 9.17 -10.00
C ASP B 180 -21.61 7.85 -9.30
N MET B 181 -20.33 7.51 -9.21
CA MET B 181 -19.86 6.43 -8.34
C MET B 181 -20.08 6.84 -6.91
N SER B 182 -20.05 5.87 -5.99
CA SER B 182 -20.19 6.20 -4.57
C SER B 182 -18.97 6.94 -4.02
N THR B 183 -17.88 6.90 -4.77
N THR B 183 -17.85 6.85 -4.73
CA THR B 183 -16.59 7.35 -4.26
CA THR B 183 -16.55 7.29 -4.22
C THR B 183 -15.75 7.94 -5.36
C THR B 183 -15.67 7.85 -5.32
N ARG B 184 -14.88 8.85 -4.97
CA ARG B 184 -13.93 9.45 -5.91
C ARG B 184 -12.82 8.46 -6.22
N ARG B 185 -12.50 8.29 -7.49
CA ARG B 185 -11.47 7.38 -7.91
C ARG B 185 -10.70 7.96 -9.08
N SER B 186 -9.50 8.44 -8.80
CA SER B 186 -8.51 8.71 -9.82
C SER B 186 -7.67 7.44 -10.00
N GLY B 187 -7.34 7.08 -11.23
CA GLY B 187 -6.49 5.92 -11.45
C GLY B 187 -7.18 4.61 -11.10
N ALA B 188 -8.50 4.59 -11.28
CA ALA B 188 -9.26 3.37 -11.09
C ALA B 188 -8.88 2.37 -12.16
N GLY B 189 -8.93 1.08 -11.80
CA GLY B 189 -8.85 0.02 -12.78
C GLY B 189 -10.25 -0.28 -13.28
N VAL B 190 -10.50 0.01 -14.54
CA VAL B 190 -11.83 -0.05 -15.12
C VAL B 190 -11.89 -1.10 -16.21
N GLY B 191 -12.96 -1.88 -16.20
CA GLY B 191 -13.12 -2.92 -17.19
C GLY B 191 -14.59 -3.34 -17.26
N VAL B 192 -14.88 -4.18 -18.23
CA VAL B 192 -16.22 -4.64 -18.49
C VAL B 192 -16.25 -6.15 -18.46
N LEU B 193 -17.21 -6.69 -17.73
CA LEU B 193 -17.40 -8.12 -17.61
C LEU B 193 -18.88 -8.42 -17.61
N SER B 194 -19.28 -9.27 -18.56
CA SER B 194 -20.67 -9.72 -18.72
C SER B 194 -21.64 -8.55 -18.72
N GLY B 195 -21.32 -7.51 -19.49
CA GLY B 195 -22.22 -6.37 -19.66
C GLY B 195 -22.24 -5.36 -18.52
N GLN B 196 -21.36 -5.55 -17.55
CA GLN B 196 -21.29 -4.65 -16.40
C GLN B 196 -19.96 -3.91 -16.38
N LEU B 197 -20.01 -2.67 -15.92
CA LEU B 197 -18.83 -1.80 -15.87
C LEU B 197 -18.25 -1.71 -14.46
N TYR B 198 -16.98 -2.12 -14.33
CA TYR B 198 -16.33 -2.21 -13.03
C TYR B 198 -15.39 -1.04 -12.84
N ALA B 199 -15.47 -0.48 -11.65
CA ALA B 199 -14.51 0.51 -11.20
C ALA B 199 -13.81 -0.06 -9.97
N THR B 200 -12.52 -0.38 -10.10
CA THR B 200 -11.77 -1.00 -9.00
C THR B 200 -10.71 -0.01 -8.47
N GLY B 201 -10.54 0.03 -7.16
CA GLY B 201 -9.47 0.80 -6.57
C GLY B 201 -9.43 2.26 -6.96
N GLY B 202 -8.23 2.76 -7.26
CA GLY B 202 -8.03 4.18 -7.50
C GLY B 202 -7.72 4.90 -6.20
N HIS B 203 -7.65 6.23 -6.26
CA HIS B 203 -7.37 7.02 -5.09
C HIS B 203 -8.12 8.34 -5.11
N ASP B 204 -8.18 8.93 -3.92
CA ASP B 204 -8.60 10.31 -3.72
C ASP B 204 -7.52 10.97 -2.89
N GLY B 205 -6.69 11.77 -3.53
CA GLY B 205 -5.51 12.28 -2.87
C GLY B 205 -4.67 11.14 -2.33
N PRO B 206 -4.23 11.23 -1.07
CA PRO B 206 -3.33 10.19 -0.53
C PRO B 206 -4.08 8.89 -0.19
N LEU B 207 -5.39 8.89 -0.32
CA LEU B 207 -6.18 7.71 0.06
C LEU B 207 -6.41 6.76 -1.09
N VAL B 208 -5.75 5.60 -1.04
CA VAL B 208 -5.90 4.60 -2.09
C VAL B 208 -6.98 3.61 -1.65
N ARG B 209 -7.74 3.07 -2.60
CA ARG B 209 -8.87 2.22 -2.29
C ARG B 209 -8.65 0.76 -2.64
N LYS B 210 -9.24 -0.13 -1.84
CA LYS B 210 -9.40 -1.54 -2.25
C LYS B 210 -10.85 -1.81 -2.65
N SER B 211 -11.72 -0.82 -2.48
CA SER B 211 -13.14 -1.02 -2.79
C SER B 211 -13.40 -1.11 -4.29
N VAL B 212 -14.52 -1.75 -4.61
CA VAL B 212 -14.90 -2.01 -5.99
C VAL B 212 -16.38 -1.72 -6.12
N GLU B 213 -16.77 -1.09 -7.21
CA GLU B 213 -18.19 -0.94 -7.49
C GLU B 213 -18.44 -1.22 -8.94
N VAL B 214 -19.69 -1.56 -9.23
CA VAL B 214 -20.07 -2.04 -10.55
C VAL B 214 -21.37 -1.35 -10.99
N TYR B 215 -21.38 -1.01 -12.28
CA TYR B 215 -22.42 -0.22 -12.90
C TYR B 215 -23.18 -1.05 -13.90
N ASP B 216 -24.52 -1.02 -13.77
CA ASP B 216 -25.41 -1.66 -14.69
C ASP B 216 -26.01 -0.61 -15.59
N PRO B 217 -25.63 -0.63 -16.87
CA PRO B 217 -26.19 0.41 -17.75
C PRO B 217 -27.70 0.35 -17.88
N GLY B 218 -28.27 -0.84 -17.71
CA GLY B 218 -29.70 -1.01 -17.84
C GLY B 218 -30.51 -0.33 -16.74
N THR B 219 -29.84 0.00 -15.63
CA THR B 219 -30.50 0.60 -14.48
C THR B 219 -29.85 1.91 -14.03
N ASN B 220 -28.74 2.29 -14.68
CA ASN B 220 -27.97 3.48 -14.32
C ASN B 220 -27.64 3.52 -12.82
N THR B 221 -27.25 2.35 -12.31
CA THR B 221 -27.03 2.17 -10.88
C THR B 221 -25.66 1.56 -10.61
N TRP B 222 -24.94 2.13 -9.64
CA TRP B 222 -23.69 1.56 -9.13
C TRP B 222 -24.00 0.79 -7.86
N LYS B 223 -23.35 -0.36 -7.70
CA LYS B 223 -23.45 -1.09 -6.44
C LYS B 223 -22.06 -1.56 -6.00
N GLN B 224 -21.86 -1.62 -4.70
CA GLN B 224 -20.59 -2.10 -4.17
C GLN B 224 -20.51 -3.61 -4.24
N VAL B 225 -19.35 -4.13 -4.60
CA VAL B 225 -19.12 -5.56 -4.53
C VAL B 225 -17.92 -5.79 -3.58
N ALA B 226 -17.42 -7.01 -3.52
CA ALA B 226 -16.33 -7.34 -2.59
C ALA B 226 -15.09 -6.47 -2.82
N ASP B 227 -14.41 -6.10 -1.72
CA ASP B 227 -13.10 -5.46 -1.81
C ASP B 227 -12.09 -6.38 -2.49
N MET B 228 -11.14 -5.79 -3.21
CA MET B 228 -9.94 -6.48 -3.59
C MET B 228 -9.15 -6.87 -2.35
N ASN B 229 -8.21 -7.80 -2.52
CA ASN B 229 -7.30 -8.16 -1.47
C ASN B 229 -6.34 -7.03 -1.09
N MET B 230 -6.00 -6.19 -2.06
CA MET B 230 -5.05 -5.09 -1.86
C MET B 230 -5.59 -3.75 -2.31
N CYS B 231 -5.21 -2.68 -1.61
CA CYS B 231 -5.35 -1.32 -2.13
C CYS B 231 -4.56 -1.23 -3.44
N ARG B 232 -5.20 -0.75 -4.50
CA ARG B 232 -4.52 -0.54 -5.77
C ARG B 232 -5.02 0.70 -6.49
N ARG B 233 -4.08 1.45 -7.06
CA ARG B 233 -4.41 2.44 -8.06
C ARG B 233 -3.45 2.22 -9.22
N ASN B 234 -3.86 2.66 -10.41
CA ASN B 234 -3.06 2.54 -11.61
C ASN B 234 -2.77 1.09 -11.98
N ALA B 235 -3.69 0.19 -11.66
CA ALA B 235 -3.59 -1.21 -12.04
C ALA B 235 -4.14 -1.35 -13.47
N GLY B 236 -3.61 -2.32 -14.21
CA GLY B 236 -4.14 -2.66 -15.50
C GLY B 236 -5.27 -3.65 -15.32
N VAL B 237 -6.27 -3.56 -16.20
CA VAL B 237 -7.46 -4.41 -16.09
C VAL B 237 -7.81 -5.05 -17.41
N CYS B 238 -8.12 -6.34 -17.38
CA CYS B 238 -8.68 -7.02 -18.57
C CYS B 238 -9.67 -8.07 -18.11
N ALA B 239 -10.54 -8.51 -19.01
CA ALA B 239 -11.54 -9.52 -18.65
C ALA B 239 -11.27 -10.73 -19.52
N VAL B 240 -11.34 -11.91 -18.94
CA VAL B 240 -11.19 -13.13 -19.72
C VAL B 240 -11.88 -14.28 -19.00
N ASN B 241 -12.56 -15.09 -19.81
CA ASN B 241 -13.24 -16.29 -19.33
C ASN B 241 -14.12 -16.03 -18.10
N GLY B 242 -14.86 -14.94 -18.14
CA GLY B 242 -15.88 -14.68 -17.12
C GLY B 242 -15.30 -14.04 -15.87
N LEU B 243 -14.04 -13.65 -15.92
CA LEU B 243 -13.33 -13.13 -14.77
C LEU B 243 -12.65 -11.78 -15.09
N LEU B 244 -12.56 -10.92 -14.09
CA LEU B 244 -11.90 -9.63 -14.24
C LEU B 244 -10.55 -9.67 -13.55
N TYR B 245 -9.49 -9.47 -14.32
CA TYR B 245 -8.13 -9.49 -13.80
C TYR B 245 -7.64 -8.10 -13.57
N VAL B 246 -7.03 -7.89 -12.41
CA VAL B 246 -6.47 -6.62 -12.05
C VAL B 246 -4.98 -6.83 -11.80
N VAL B 247 -4.16 -6.10 -12.54
CA VAL B 247 -2.74 -6.39 -12.63
C VAL B 247 -1.88 -5.28 -12.05
N GLY B 248 -1.09 -5.61 -11.04
CA GLY B 248 -0.09 -4.68 -10.54
C GLY B 248 -0.76 -3.43 -9.99
N GLY B 249 -0.17 -2.28 -10.30
CA GLY B 249 -0.62 -1.02 -9.75
C GLY B 249 0.32 -0.62 -8.63
N ASP B 250 -0.11 0.36 -7.84
CA ASP B 250 0.67 0.82 -6.72
C ASP B 250 -0.24 1.27 -5.58
N ASP B 251 0.36 1.48 -4.41
CA ASP B 251 -0.39 1.96 -3.26
C ASP B 251 0.02 3.38 -2.92
N GLY B 252 0.60 4.06 -3.90
CA GLY B 252 1.15 5.40 -3.73
C GLY B 252 2.62 5.41 -3.38
N SER B 253 3.14 4.28 -2.93
CA SER B 253 4.53 4.18 -2.57
C SER B 253 5.23 3.02 -3.24
N CYS B 254 4.63 1.84 -3.12
CA CYS B 254 5.20 0.60 -3.67
C CYS B 254 4.46 0.21 -4.93
N ASN B 255 5.18 -0.30 -5.92
CA ASN B 255 4.56 -0.93 -7.07
C ASN B 255 4.32 -2.41 -6.77
N LEU B 256 3.17 -2.90 -7.19
CA LEU B 256 2.71 -4.23 -6.79
C LEU B 256 3.06 -5.27 -7.82
N ALA B 257 3.45 -6.46 -7.37
CA ALA B 257 3.85 -7.51 -8.29
C ALA B 257 2.71 -8.49 -8.53
N SER B 258 1.67 -8.36 -7.71
CA SER B 258 0.58 -9.31 -7.69
C SER B 258 -0.50 -8.97 -8.69
N VAL B 259 -1.29 -10.00 -8.97
CA VAL B 259 -2.46 -9.94 -9.83
C VAL B 259 -3.61 -10.58 -9.07
N GLU B 260 -4.80 -10.02 -9.18
CA GLU B 260 -5.96 -10.71 -8.62
C GLU B 260 -7.13 -10.62 -9.57
N TYR B 261 -8.00 -11.61 -9.46
CA TYR B 261 -9.14 -11.69 -10.36
C TYR B 261 -10.44 -11.86 -9.61
N TYR B 262 -11.49 -11.31 -10.21
CA TYR B 262 -12.83 -11.27 -9.64
C TYR B 262 -13.78 -12.23 -10.36
N ASN B 263 -14.49 -13.01 -9.56
CA ASN B 263 -15.55 -13.85 -10.04
C ASN B 263 -16.87 -13.21 -9.59
N PRO B 264 -17.67 -12.72 -10.54
CA PRO B 264 -18.89 -12.00 -10.14
C PRO B 264 -20.00 -12.90 -9.62
N VAL B 265 -19.91 -14.19 -9.89
CA VAL B 265 -20.93 -15.14 -9.46
C VAL B 265 -20.77 -15.41 -7.98
N THR B 266 -19.52 -15.59 -7.56
CA THR B 266 -19.22 -15.88 -6.16
C THR B 266 -18.86 -14.63 -5.38
N ASP B 267 -18.63 -13.50 -6.06
CA ASP B 267 -18.29 -12.23 -5.41
C ASP B 267 -17.02 -12.40 -4.57
N LYS B 268 -16.01 -13.03 -5.19
CA LYS B 268 -14.72 -13.27 -4.54
C LYS B 268 -13.56 -12.78 -5.40
N TRP B 269 -12.59 -12.17 -4.75
CA TRP B 269 -11.31 -11.80 -5.37
C TRP B 269 -10.24 -12.81 -4.97
N THR B 270 -9.49 -13.29 -5.96
CA THR B 270 -8.48 -14.31 -5.72
C THR B 270 -7.15 -13.87 -6.32
N LEU B 271 -6.09 -14.05 -5.56
CA LEU B 271 -4.76 -13.73 -6.06
C LEU B 271 -4.28 -14.78 -7.05
N LEU B 272 -3.67 -14.33 -8.14
CA LEU B 272 -2.95 -15.21 -9.06
C LEU B 272 -1.85 -15.94 -8.29
N PRO B 273 -1.63 -17.22 -8.56
CA PRO B 273 -0.67 -17.92 -7.70
C PRO B 273 0.80 -17.54 -7.92
N THR B 274 1.12 -16.87 -9.02
CA THR B 274 2.51 -16.51 -9.32
C THR B 274 2.60 -15.03 -9.64
N ASN B 275 3.29 -14.26 -8.81
CA ASN B 275 3.48 -12.82 -9.06
C ASN B 275 4.37 -12.56 -10.25
N MET B 276 4.27 -11.36 -10.80
CA MET B 276 5.30 -10.86 -11.72
C MET B 276 6.64 -10.81 -10.98
N SER B 277 7.75 -10.81 -11.72
CA SER B 277 9.07 -10.85 -11.11
C SER B 277 9.40 -9.54 -10.42
N THR B 278 8.70 -8.47 -10.78
CA THR B 278 8.90 -7.22 -10.09
C THR B 278 7.60 -6.44 -10.04
N GLY B 279 7.48 -5.55 -9.06
CA GLY B 279 6.33 -4.68 -8.97
C GLY B 279 6.27 -3.78 -10.20
N ARG B 280 5.05 -3.47 -10.64
CA ARG B 280 4.84 -2.72 -11.85
C ARG B 280 3.52 -1.99 -11.78
N SER B 281 3.55 -0.68 -12.00
N SER B 281 3.55 -0.68 -12.06
CA SER B 281 2.32 0.12 -12.06
CA SER B 281 2.36 0.16 -12.04
C SER B 281 2.19 0.86 -13.39
C SER B 281 2.22 0.90 -13.36
N TYR B 282 1.04 1.43 -13.62
CA TYR B 282 0.71 2.12 -14.90
C TYR B 282 1.06 1.30 -16.14
N ALA B 283 0.80 0.00 -16.06
CA ALA B 283 1.00 -0.91 -17.18
C ALA B 283 -0.34 -1.18 -17.83
N GLY B 284 -0.39 -1.21 -19.15
CA GLY B 284 -1.61 -1.58 -19.83
C GLY B 284 -1.66 -3.08 -20.04
N VAL B 285 -2.85 -3.63 -20.22
CA VAL B 285 -3.04 -5.07 -20.22
C VAL B 285 -4.06 -5.46 -21.25
N ALA B 286 -3.81 -6.58 -21.92
CA ALA B 286 -4.73 -7.16 -22.86
C ALA B 286 -4.63 -8.67 -22.85
N VAL B 287 -5.70 -9.35 -23.29
CA VAL B 287 -5.67 -10.79 -23.44
C VAL B 287 -5.70 -11.18 -24.93
N ILE B 288 -4.81 -12.11 -25.31
CA ILE B 288 -4.75 -12.60 -26.68
C ILE B 288 -4.60 -14.12 -26.71
N HIS B 289 -4.71 -14.70 -27.90
CA HIS B 289 -4.44 -16.14 -28.07
C HIS B 289 -2.93 -16.37 -28.23
N LYS B 290 -2.45 -17.51 -27.74
CA LYS B 290 -1.03 -17.81 -27.70
C LYS B 290 -0.50 -18.17 -29.08
N GLU C 1 -9.27 17.25 19.62
CA GLU C 1 -7.96 16.99 19.02
C GLU C 1 -8.10 16.01 17.87
N PRO C 2 -7.28 16.18 16.82
CA PRO C 2 -7.32 15.23 15.70
C PRO C 2 -7.03 13.80 16.15
N GLU C 3 -7.77 12.84 15.60
CA GLU C 3 -7.63 11.44 15.99
C GLU C 3 -6.44 10.75 15.31
N GLU C 4 -5.91 11.38 14.26
CA GLU C 4 -4.81 10.80 13.47
C GLU C 4 -3.52 10.83 14.30
N PRO C 5 -2.59 9.90 14.04
CA PRO C 5 -1.26 10.03 14.66
C PRO C 5 -0.59 11.33 14.29
N GLU C 6 0.32 11.78 15.15
CA GLU C 6 0.97 13.05 14.96
C GLU C 6 1.61 13.20 13.58
N ALA C 7 2.31 12.15 13.13
CA ALA C 7 3.04 12.21 11.90
C ALA C 7 2.11 12.42 10.69
N ASP C 8 0.84 12.11 10.86
CA ASP C 8 -0.12 12.21 9.76
C ASP C 8 -0.91 13.51 9.82
N GLN C 9 -0.64 14.35 10.82
CA GLN C 9 -1.39 15.59 10.96
C GLN C 9 -0.69 16.71 10.19
N GLU D 1 9.20 19.74 -17.01
CA GLU D 1 7.90 19.46 -16.42
C GLU D 1 7.99 18.34 -15.35
N PRO D 2 7.19 18.45 -14.29
CA PRO D 2 7.20 17.39 -13.29
C PRO D 2 6.90 16.00 -13.89
N GLU D 3 7.65 15.00 -13.44
CA GLU D 3 7.58 13.65 -13.99
C GLU D 3 6.37 12.88 -13.45
N GLU D 4 5.81 13.36 -12.34
CA GLU D 4 4.70 12.67 -11.67
C GLU D 4 3.42 12.79 -12.49
N PRO D 5 2.49 11.82 -12.31
CA PRO D 5 1.17 11.95 -12.92
C PRO D 5 0.52 13.20 -12.38
N GLU D 6 -0.36 13.81 -13.17
CA GLU D 6 -0.99 15.08 -12.80
C GLU D 6 -1.63 15.05 -11.41
N ALA D 7 -2.31 13.95 -11.12
CA ALA D 7 -3.05 13.81 -9.88
C ALA D 7 -2.13 13.84 -8.65
N ASP D 8 -0.86 13.57 -8.88
CA ASP D 8 0.13 13.51 -7.79
C ASP D 8 0.95 14.80 -7.65
N GLN D 9 0.71 15.77 -8.52
CA GLN D 9 1.48 17.02 -8.49
C GLN D 9 0.80 18.01 -7.54
S SO4 E . -4.03 14.70 31.84
O1 SO4 E . -4.66 13.56 32.49
O2 SO4 E . -2.59 14.72 32.12
O3 SO4 E . -4.21 14.62 30.40
O4 SO4 E . -4.65 15.92 32.35
C1 EDO F . 1.94 7.60 11.30
O1 EDO F . 0.93 6.66 10.94
C2 EDO F . 3.17 6.85 11.80
O2 EDO F . 2.74 6.18 13.00
CL CL G . -1.62 9.16 18.57
S SO4 H . 3.73 19.16 -29.32
O1 SO4 H . 2.30 19.02 -29.60
O2 SO4 H . 4.47 18.03 -29.86
O3 SO4 H . 4.26 20.38 -29.90
O4 SO4 H . 3.92 19.20 -27.86
S SO4 I . 10.53 8.19 -27.48
O1 SO4 I . 11.85 7.78 -27.92
O2 SO4 I . 10.40 7.85 -26.08
O3 SO4 I . 10.34 9.61 -27.65
O4 SO4 I . 9.57 7.41 -28.24
C1 EDO J . 3.62 2.72 -26.88
O1 EDO J . 5.00 2.71 -27.27
C2 EDO J . 2.98 4.02 -27.36
O2 EDO J . 3.59 5.11 -26.71
CL CL K . 1.52 11.77 -16.93
#